data_6EMG
#
_entry.id   6EMG
#
_cell.length_a   214.259
_cell.length_b   214.259
_cell.length_c   124.785
_cell.angle_alpha   90.000
_cell.angle_beta   90.000
_cell.angle_gamma   120.000
#
_symmetry.space_group_name_H-M   'P 63 2 2'
#
loop_
_entity.id
_entity.type
_entity.pdbx_description
1 polymer G0S4M2
2 non-polymer 'PHOSPHATE ION'
3 non-polymer 1,2-ETHANEDIOL
4 non-polymer '4-(2-HYDROXYETHYL)-1-PIPERAZINE ETHANESULFONIC ACID'
5 water water
#
_entity_poly.entity_id   1
_entity_poly.type   'polypeptide(L)'
_entity_poly.pdbx_seq_one_letter_code
;MTSQEKSMPFIKHLASSDRKVRTAALNSLHAFLSARQVASALTTLDVLKLWKGLFYALWMCDRAIPQQNLCNELADLIWQ
LPRESVATWLRGFWATMAREWTGIDVLRMEKFLLLVRRVLGASFKWMKKDGSLGKRTHDGQEKAVKTGAWDQSKVDEVLG
LLAEWPFSLAEEVRITQSSEKGGEIVQKIPVGMRLHVLDIWVDEVERVGLLNEDEEEARMIVQRISDMVDALEQTTKSPA
VRTRSKDSLGDDRLPANRRPNSSQDHDTKDMGDSDSWEGFDDGSHHHHHH
;
_entity_poly.pdbx_strand_id   A,B
#
loop_
_chem_comp.id
_chem_comp.type
_chem_comp.name
_chem_comp.formula
EDO non-polymer 1,2-ETHANEDIOL 'C2 H6 O2'
EPE non-polymer '4-(2-HYDROXYETHYL)-1-PIPERAZINE ETHANESULFONIC ACID' 'C8 H18 N2 O4 S'
PO4 non-polymer 'PHOSPHATE ION' 'O4 P -3'
#
# COMPACT_ATOMS: atom_id res chain seq x y z
N GLU A 5 -2.35 36.40 8.25
CA GLU A 5 -1.23 35.53 7.94
C GLU A 5 -0.06 35.82 8.87
N LYS A 6 0.75 34.79 9.11
CA LYS A 6 1.92 34.96 9.97
C LYS A 6 2.94 35.86 9.30
N SER A 7 3.67 36.60 10.13
CA SER A 7 4.81 37.38 9.66
C SER A 7 6.07 36.53 9.75
N MET A 8 6.76 36.37 8.63
CA MET A 8 7.95 35.53 8.55
C MET A 8 9.02 36.27 7.75
N PRO A 9 9.54 37.39 8.30
CA PRO A 9 10.43 38.25 7.51
C PRO A 9 11.79 37.63 7.21
N PHE A 10 12.14 36.52 7.86
CA PHE A 10 13.44 35.89 7.63
C PHE A 10 13.49 35.09 6.33
N ILE A 11 12.32 34.76 5.75
CA ILE A 11 12.27 33.85 4.62
C ILE A 11 13.02 34.42 3.42
N LYS A 12 12.85 35.72 3.16
CA LYS A 12 13.50 36.33 2.00
C LYS A 12 15.01 36.37 2.14
N HIS A 13 15.55 36.16 3.34
CA HIS A 13 16.98 36.18 3.57
C HIS A 13 17.61 34.79 3.57
N LEU A 14 16.80 33.73 3.52
CA LEU A 14 17.36 32.37 3.53
C LEU A 14 18.19 32.11 2.27
N ALA A 15 17.91 32.82 1.18
CA ALA A 15 18.59 32.61 -0.09
C ALA A 15 19.59 33.72 -0.41
N SER A 16 19.95 34.53 0.57
CA SER A 16 20.88 35.62 0.34
C SER A 16 22.22 35.11 -0.17
N SER A 17 22.91 35.94 -0.95
CA SER A 17 24.25 35.57 -1.41
C SER A 17 25.28 35.65 -0.29
N ASP A 18 24.96 36.34 0.80
CA ASP A 18 25.84 36.44 1.96
C ASP A 18 25.56 35.24 2.87
N ARG A 19 26.62 34.44 3.13
CA ARG A 19 26.45 33.23 3.91
C ARG A 19 26.01 33.53 5.33
N LYS A 20 26.52 34.61 5.91
CA LYS A 20 26.16 34.94 7.29
C LYS A 20 24.72 35.45 7.38
N VAL A 21 24.21 36.10 6.34
CA VAL A 21 22.79 36.46 6.30
C VAL A 21 21.94 35.19 6.24
N ARG A 22 22.38 34.19 5.46
CA ARG A 22 21.63 32.95 5.37
C ARG A 22 21.58 32.23 6.72
N THR A 23 22.72 32.16 7.41
CA THR A 23 22.75 31.49 8.71
C THR A 23 21.90 32.21 9.74
N ALA A 24 21.99 33.55 9.75
CA ALA A 24 21.14 34.33 10.66
C ALA A 24 19.66 34.13 10.34
N ALA A 25 19.32 34.08 9.06
CA ALA A 25 17.92 33.86 8.68
C ALA A 25 17.45 32.47 9.09
N LEU A 26 18.30 31.46 8.89
CA LEU A 26 17.94 30.11 9.32
C LEU A 26 17.81 30.03 10.83
N ASN A 27 18.66 30.75 11.56
CA ASN A 27 18.53 30.79 13.01
C ASN A 27 17.24 31.47 13.44
N SER A 28 16.84 32.52 12.70
CA SER A 28 15.54 33.13 12.97
C SER A 28 14.41 32.15 12.73
N LEU A 29 14.55 31.29 11.71
CA LEU A 29 13.55 30.26 11.46
C LEU A 29 13.49 29.27 12.62
N HIS A 30 14.66 28.87 13.15
CA HIS A 30 14.70 28.04 14.34
C HIS A 30 13.90 28.67 15.47
N ALA A 31 14.17 29.96 15.73
CA ALA A 31 13.46 30.67 16.79
C ALA A 31 11.97 30.75 16.52
N PHE A 32 11.60 31.04 15.27
CA PHE A 32 10.18 31.12 14.90
C PHE A 32 9.45 29.83 15.22
N LEU A 33 10.09 28.68 14.93
CA LEU A 33 9.43 27.40 15.16
C LEU A 33 9.41 27.02 16.64
N SER A 34 10.28 27.61 17.45
CA SER A 34 10.32 27.26 18.87
C SER A 34 9.19 27.90 19.67
N ALA A 35 8.57 28.96 19.15
CA ALA A 35 7.40 29.54 19.79
C ALA A 35 6.24 28.57 19.67
N ARG A 36 5.84 27.99 20.79
CA ARG A 36 5.05 26.76 20.76
C ARG A 36 3.64 27.01 20.19
N GLN A 37 3.02 28.13 20.56
CA GLN A 37 1.69 28.42 20.02
C GLN A 37 1.74 28.69 18.52
N VAL A 38 2.81 29.33 18.04
CA VAL A 38 2.93 29.65 16.63
C VAL A 38 3.12 28.38 15.82
N ALA A 39 4.03 27.50 16.28
CA ALA A 39 4.25 26.23 15.59
C ALA A 39 3.02 25.35 15.61
N SER A 40 2.21 25.41 16.67
CA SER A 40 1.00 24.62 16.74
C SER A 40 -0.05 25.06 15.72
N ALA A 41 0.04 26.30 15.23
CA ALA A 41 -0.97 26.86 14.34
C ALA A 41 -0.50 26.93 12.89
N LEU A 42 0.55 26.20 12.54
CA LEU A 42 1.09 26.27 11.19
C LEU A 42 0.08 25.70 10.18
N THR A 43 -0.17 26.47 9.13
CA THR A 43 -1.04 26.05 8.05
C THR A 43 -0.22 25.45 6.91
N THR A 44 -0.94 24.83 5.97
CA THR A 44 -0.29 24.29 4.78
C THR A 44 0.45 25.39 4.02
N LEU A 45 -0.18 26.55 3.86
CA LEU A 45 0.49 27.65 3.18
C LEU A 45 1.70 28.14 3.96
N ASP A 46 1.67 28.09 5.29
CA ASP A 46 2.83 28.48 6.07
C ASP A 46 4.03 27.58 5.75
N VAL A 47 3.85 26.27 5.84
CA VAL A 47 4.97 25.35 5.68
C VAL A 47 5.44 25.34 4.22
N LEU A 48 4.54 25.59 3.27
CA LEU A 48 4.97 25.70 1.88
C LEU A 48 5.90 26.89 1.69
N LYS A 49 5.61 28.01 2.36
CA LYS A 49 6.50 29.16 2.29
C LYS A 49 7.83 28.88 2.98
N LEU A 50 7.78 28.19 4.12
CA LEU A 50 9.01 27.92 4.87
C LEU A 50 9.90 26.93 4.12
N TRP A 51 9.31 25.87 3.57
CA TRP A 51 10.11 24.88 2.86
C TRP A 51 10.65 25.42 1.55
N LYS A 52 9.92 26.31 0.90
CA LYS A 52 10.49 26.99 -0.27
C LYS A 52 11.72 27.78 0.11
N GLY A 53 11.68 28.47 1.25
CA GLY A 53 12.85 29.19 1.72
C GLY A 53 14.00 28.25 2.08
N LEU A 54 13.68 27.15 2.76
CA LEU A 54 14.72 26.18 3.11
C LEU A 54 15.30 25.52 1.86
N PHE A 55 14.47 25.27 0.86
CA PHE A 55 14.96 24.72 -0.41
C PHE A 55 16.06 25.62 -0.99
N TYR A 56 15.84 26.92 -0.99
CA TYR A 56 16.81 27.82 -1.58
C TYR A 56 18.00 28.09 -0.67
N ALA A 57 17.85 27.87 0.64
CA ALA A 57 19.00 27.89 1.53
C ALA A 57 19.96 26.77 1.19
N LEU A 58 19.44 25.56 0.96
CA LEU A 58 20.29 24.47 0.50
C LEU A 58 20.83 24.73 -0.90
N TRP A 59 19.98 25.28 -1.78
CA TRP A 59 20.41 25.60 -3.14
C TRP A 59 21.64 26.48 -3.14
N MET A 60 21.71 27.44 -2.23
CA MET A 60 22.81 28.40 -2.17
C MET A 60 24.05 27.85 -1.45
N CYS A 61 23.94 26.72 -0.78
CA CYS A 61 25.05 26.19 0.02
C CYS A 61 26.02 25.44 -0.90
N ASP A 62 27.28 25.86 -0.89
CA ASP A 62 28.19 25.56 -1.99
C ASP A 62 29.20 24.44 -1.71
N ARG A 63 29.49 24.12 -0.45
CA ARG A 63 30.56 23.18 -0.13
C ARG A 63 30.02 21.91 0.52
N ALA A 64 30.77 20.81 0.37
CA ALA A 64 30.24 19.47 0.65
C ALA A 64 29.87 19.31 2.11
N ILE A 65 30.77 19.66 3.01
CA ILE A 65 30.53 19.42 4.43
C ILE A 65 29.45 20.38 4.93
N PRO A 66 29.46 21.69 4.60
CA PRO A 66 28.28 22.52 4.91
C PRO A 66 26.98 21.96 4.36
N GLN A 67 27.01 21.39 3.15
CA GLN A 67 25.79 20.81 2.58
C GLN A 67 25.30 19.64 3.43
N GLN A 68 26.22 18.79 3.90
CA GLN A 68 25.83 17.66 4.72
C GLN A 68 25.27 18.11 6.06
N ASN A 69 25.91 19.10 6.69
CA ASN A 69 25.40 19.64 7.94
C ASN A 69 24.03 20.28 7.74
N LEU A 70 23.86 21.01 6.63
CA LEU A 70 22.58 21.67 6.37
C LEU A 70 21.47 20.66 6.15
N CYS A 71 21.76 19.57 5.44
CA CYS A 71 20.77 18.52 5.25
C CYS A 71 20.36 17.90 6.58
N ASN A 72 21.32 17.71 7.49
CA ASN A 72 20.99 17.21 8.81
C ASN A 72 20.20 18.23 9.62
N GLU A 73 20.58 19.51 9.50
CA GLU A 73 19.88 20.56 10.23
C GLU A 73 18.42 20.66 9.79
N LEU A 74 18.19 20.61 8.47
CA LEU A 74 16.83 20.72 7.97
C LEU A 74 16.00 19.49 8.33
N ALA A 75 16.60 18.30 8.27
CA ALA A 75 15.88 17.09 8.66
C ALA A 75 15.55 17.10 10.15
N ASP A 76 16.40 17.72 10.97
CA ASP A 76 16.19 17.76 12.41
C ASP A 76 15.11 18.75 12.83
N LEU A 77 14.62 19.58 11.91
CA LEU A 77 13.57 20.53 12.26
C LEU A 77 12.30 19.83 12.74
N ILE A 78 12.15 18.55 12.37
CA ILE A 78 10.96 17.79 12.75
C ILE A 78 10.82 17.70 14.26
N TRP A 79 11.95 17.65 14.98
CA TRP A 79 11.89 17.55 16.43
C TRP A 79 11.54 18.87 17.10
N GLN A 80 11.72 19.99 16.41
CA GLN A 80 11.36 21.30 16.95
C GLN A 80 9.85 21.52 17.05
N LEU A 81 9.05 20.64 16.47
CA LEU A 81 7.65 20.98 16.33
C LEU A 81 6.79 20.22 17.33
N PRO A 82 5.68 20.81 17.76
CA PRO A 82 4.67 20.04 18.48
C PRO A 82 4.11 18.96 17.58
N ARG A 83 3.77 17.82 18.19
CA ARG A 83 3.48 16.61 17.43
C ARG A 83 2.30 16.81 16.48
N GLU A 84 1.37 17.68 16.85
CA GLU A 84 0.20 17.92 16.01
C GLU A 84 0.53 18.68 14.74
N SER A 85 1.76 19.19 14.60
CA SER A 85 2.17 19.93 13.41
C SER A 85 3.10 19.17 12.49
N VAL A 86 3.55 17.97 12.87
CA VAL A 86 4.58 17.27 12.11
C VAL A 86 4.05 16.84 10.74
N ALA A 87 2.83 16.29 10.71
CA ALA A 87 2.26 15.81 9.45
C ALA A 87 2.17 16.93 8.43
N THR A 88 1.67 18.10 8.84
CA THR A 88 1.62 19.25 7.93
C THR A 88 3.02 19.68 7.52
N TRP A 89 3.97 19.65 8.46
CA TRP A 89 5.34 20.05 8.16
C TRP A 89 5.95 19.14 7.08
N LEU A 90 5.86 17.83 7.28
CA LEU A 90 6.43 16.90 6.31
C LEU A 90 5.69 16.96 4.98
N ARG A 91 4.37 17.15 5.02
CA ARG A 91 3.59 17.30 3.81
C ARG A 91 4.10 18.47 2.98
N GLY A 92 4.45 19.58 3.65
CA GLY A 92 5.04 20.71 2.95
C GLY A 92 6.38 20.39 2.32
N PHE A 93 7.16 19.51 2.95
CA PHE A 93 8.44 19.13 2.37
C PHE A 93 8.25 18.39 1.06
N TRP A 94 7.43 17.33 1.08
CA TRP A 94 7.28 16.50 -0.10
C TRP A 94 6.64 17.26 -1.24
N ALA A 95 5.66 18.11 -0.93
CA ALA A 95 5.04 18.93 -1.97
C ALA A 95 6.06 19.90 -2.57
N THR A 96 6.94 20.46 -1.74
CA THR A 96 7.97 21.35 -2.25
C THR A 96 8.94 20.61 -3.17
N MET A 97 9.46 19.47 -2.71
CA MET A 97 10.39 18.69 -3.52
C MET A 97 9.74 18.20 -4.81
N ALA A 98 8.44 17.87 -4.75
CA ALA A 98 7.73 17.47 -5.97
C ALA A 98 7.66 18.61 -6.96
N ARG A 99 7.43 19.84 -6.48
CA ARG A 99 7.34 20.99 -7.38
C ARG A 99 8.69 21.30 -8.01
N GLU A 100 9.77 21.16 -7.25
CA GLU A 100 11.09 21.61 -7.69
C GLU A 100 11.91 20.54 -8.39
N TRP A 101 11.49 19.28 -8.36
CA TRP A 101 12.38 18.17 -8.71
C TRP A 101 13.02 18.35 -10.08
N THR A 102 12.19 18.43 -11.13
CA THR A 102 12.74 18.44 -12.48
C THR A 102 13.53 19.70 -12.80
N GLY A 103 13.33 20.78 -12.03
CA GLY A 103 14.00 22.04 -12.30
C GLY A 103 15.38 22.20 -11.70
N ILE A 104 15.84 21.24 -10.90
CA ILE A 104 17.14 21.34 -10.24
C ILE A 104 18.24 21.01 -11.24
N ASP A 105 19.22 21.92 -11.36
CA ASP A 105 20.32 21.69 -12.29
C ASP A 105 21.19 20.53 -11.82
N VAL A 106 22.00 20.02 -12.75
CA VAL A 106 22.75 18.80 -12.51
C VAL A 106 23.72 18.98 -11.34
N LEU A 107 24.42 20.12 -11.29
CA LEU A 107 25.44 20.32 -10.28
C LEU A 107 24.87 20.30 -8.87
N ARG A 108 23.59 20.63 -8.71
CA ARG A 108 22.98 20.75 -7.40
C ARG A 108 22.04 19.60 -7.07
N MET A 109 21.94 18.58 -7.92
CA MET A 109 20.97 17.52 -7.72
C MET A 109 21.32 16.66 -6.51
N GLU A 110 22.61 16.35 -6.33
CA GLU A 110 23.01 15.36 -5.33
C GLU A 110 22.64 15.79 -3.91
N LYS A 111 22.90 17.07 -3.57
CA LYS A 111 22.61 17.52 -2.22
C LYS A 111 21.12 17.50 -1.91
N PHE A 112 20.28 17.64 -2.93
CA PHE A 112 18.85 17.52 -2.70
C PHE A 112 18.40 16.07 -2.61
N LEU A 113 19.08 15.17 -3.30
CA LEU A 113 18.87 13.74 -3.04
C LEU A 113 19.26 13.40 -1.62
N LEU A 114 20.34 14.00 -1.11
CA LEU A 114 20.72 13.79 0.28
C LEU A 114 19.68 14.36 1.24
N LEU A 115 19.13 15.54 0.91
CA LEU A 115 18.11 16.14 1.77
C LEU A 115 16.90 15.23 1.91
N VAL A 116 16.42 14.69 0.79
CA VAL A 116 15.31 13.74 0.84
C VAL A 116 15.67 12.55 1.70
N ARG A 117 16.90 12.06 1.58
CA ARG A 117 17.33 10.92 2.40
C ARG A 117 17.29 11.27 3.89
N ARG A 118 17.81 12.44 4.27
CA ARG A 118 17.87 12.80 5.68
C ARG A 118 16.47 13.08 6.24
N VAL A 119 15.64 13.78 5.47
CA VAL A 119 14.29 14.09 5.93
C VAL A 119 13.48 12.81 6.10
N LEU A 120 13.58 11.89 5.14
CA LEU A 120 12.90 10.60 5.28
C LEU A 120 13.45 9.81 6.45
N GLY A 121 14.78 9.82 6.63
CA GLY A 121 15.38 9.11 7.75
C GLY A 121 14.93 9.65 9.10
N ALA A 122 14.90 10.97 9.24
CA ALA A 122 14.42 11.56 10.49
C ALA A 122 12.94 11.27 10.70
N SER A 123 12.16 11.15 9.62
CA SER A 123 10.75 10.80 9.74
C SER A 123 10.60 9.40 10.33
N PHE A 124 11.37 8.43 9.81
CA PHE A 124 11.32 7.08 10.36
C PHE A 124 11.76 7.06 11.82
N LYS A 125 12.82 7.80 12.15
CA LYS A 125 13.27 7.85 13.53
C LYS A 125 12.22 8.46 14.45
N TRP A 126 11.52 9.49 13.96
CA TRP A 126 10.49 10.15 14.74
C TRP A 126 9.31 9.23 15.05
N MET A 127 9.14 8.16 14.28
CA MET A 127 8.10 7.18 14.59
C MET A 127 8.39 6.39 15.87
N LYS A 128 9.64 6.37 16.32
CA LYS A 128 10.01 5.56 17.46
C LYS A 128 9.36 6.08 18.73
N LYS A 129 8.97 5.15 19.60
CA LYS A 129 8.19 5.53 20.78
C LYS A 129 9.03 6.32 21.77
N ASP A 130 8.69 7.59 21.89
CA ASP A 130 9.03 8.42 23.04
C ASP A 130 7.88 9.41 23.07
N GLY A 131 6.71 8.91 22.66
CA GLY A 131 5.52 9.68 22.49
C GLY A 131 4.23 8.95 22.84
N GLY A 148 6.03 -2.59 23.11
CA GLY A 148 6.07 -2.09 21.74
C GLY A 148 6.82 -0.78 21.64
N ALA A 149 7.82 -0.74 20.76
CA ALA A 149 8.75 0.37 20.68
C ALA A 149 8.40 1.40 19.61
N TRP A 150 7.26 1.26 18.95
CA TRP A 150 6.89 2.16 17.86
C TRP A 150 5.52 2.75 18.11
N ASP A 151 5.39 4.06 17.88
CA ASP A 151 4.15 4.79 18.07
C ASP A 151 3.29 4.63 16.81
N GLN A 152 2.16 3.94 16.94
CA GLN A 152 1.38 3.59 15.76
C GLN A 152 0.84 4.83 15.04
N SER A 153 0.43 5.85 15.80
CA SER A 153 -0.12 7.05 15.18
C SER A 153 0.95 7.82 14.41
N LYS A 154 2.19 7.82 14.90
CA LYS A 154 3.27 8.44 14.16
C LYS A 154 3.65 7.61 12.94
N VAL A 155 3.68 6.29 13.10
CA VAL A 155 3.95 5.39 11.98
C VAL A 155 2.96 5.64 10.86
N ASP A 156 1.68 5.74 11.21
CA ASP A 156 0.64 5.91 10.19
C ASP A 156 0.75 7.25 9.48
N GLU A 157 1.32 8.27 10.13
CA GLU A 157 1.49 9.56 9.46
C GLU A 157 2.68 9.54 8.52
N VAL A 158 3.78 8.89 8.92
CA VAL A 158 4.94 8.77 8.04
C VAL A 158 4.62 7.85 6.87
N LEU A 159 4.01 6.69 7.16
CA LEU A 159 3.65 5.77 6.08
C LEU A 159 2.56 6.36 5.19
N GLY A 160 1.64 7.13 5.78
CA GLY A 160 0.64 7.80 4.97
C GLY A 160 1.23 8.78 3.98
N LEU A 161 2.35 9.41 4.33
CA LEU A 161 3.01 10.32 3.40
C LEU A 161 3.76 9.57 2.32
N LEU A 162 4.27 8.38 2.62
CA LEU A 162 4.83 7.53 1.58
C LEU A 162 3.76 7.14 0.56
N ALA A 163 2.58 6.74 1.06
CA ALA A 163 1.48 6.41 0.16
C ALA A 163 0.98 7.63 -0.60
N GLU A 164 1.08 8.82 0.00
CA GLU A 164 0.58 10.01 -0.67
C GLU A 164 1.55 10.50 -1.75
N TRP A 165 2.85 10.32 -1.56
CA TRP A 165 3.75 10.91 -2.53
C TRP A 165 4.52 9.85 -3.32
N PRO A 166 5.67 9.30 -2.86
CA PRO A 166 6.47 8.50 -3.79
C PRO A 166 5.80 7.20 -4.23
N PHE A 167 4.95 6.62 -3.39
CA PHE A 167 4.33 5.33 -3.70
C PHE A 167 2.86 5.46 -4.09
N SER A 168 2.43 6.67 -4.47
CA SER A 168 1.02 6.89 -4.76
C SER A 168 0.60 6.20 -6.05
N LEU A 169 -0.62 5.68 -6.04
CA LEU A 169 -1.21 5.13 -7.26
C LEU A 169 -1.85 6.21 -8.12
N ALA A 170 -1.85 7.46 -7.65
CA ALA A 170 -2.27 8.60 -8.46
C ALA A 170 -1.06 9.30 -9.05
N GLU A 171 -1.33 10.21 -9.97
CA GLU A 171 -0.27 10.97 -10.63
C GLU A 171 -0.06 12.33 -9.99
N GLU A 172 -1.01 12.82 -9.21
CA GLU A 172 -0.91 14.14 -8.63
C GLU A 172 -1.58 14.15 -7.26
N VAL A 173 -1.24 15.18 -6.48
CA VAL A 173 -1.75 15.35 -5.13
C VAL A 173 -2.47 16.68 -5.06
N ARG A 174 -3.67 16.69 -4.48
CA ARG A 174 -4.43 17.90 -4.31
C ARG A 174 -4.14 18.48 -2.93
N ILE A 175 -3.62 19.70 -2.91
CA ILE A 175 -3.28 20.42 -1.69
C ILE A 175 -4.31 21.51 -1.48
N THR A 176 -4.64 21.78 -0.23
CA THR A 176 -5.60 22.82 0.14
C THR A 176 -6.99 22.53 -0.41
N GLY A 183 -9.38 27.34 -5.90
CA GLY A 183 -8.00 27.62 -5.57
C GLY A 183 -7.23 26.40 -5.10
N GLU A 184 -7.61 25.24 -5.61
CA GLU A 184 -6.87 24.01 -5.35
C GLU A 184 -5.45 24.12 -5.90
N ILE A 185 -4.47 23.66 -5.12
CA ILE A 185 -3.12 23.45 -5.62
C ILE A 185 -2.99 21.97 -5.94
N VAL A 186 -2.69 21.67 -7.21
CA VAL A 186 -2.53 20.30 -7.67
C VAL A 186 -1.08 20.14 -8.10
N GLN A 187 -0.39 19.18 -7.49
CA GLN A 187 1.03 18.96 -7.72
C GLN A 187 1.25 17.59 -8.34
N LYS A 188 1.79 17.57 -9.55
CA LYS A 188 2.17 16.32 -10.17
C LYS A 188 3.34 15.69 -9.42
N ILE A 189 3.35 14.36 -9.34
CA ILE A 189 4.41 13.62 -8.67
C ILE A 189 5.49 13.31 -9.73
N PRO A 190 6.67 13.89 -9.61
CA PRO A 190 7.72 13.61 -10.61
C PRO A 190 8.28 12.21 -10.42
N VAL A 191 8.54 11.53 -11.53
CA VAL A 191 8.98 10.15 -11.46
C VAL A 191 10.32 10.03 -10.76
N GLY A 192 11.15 11.08 -10.80
CA GLY A 192 12.43 11.05 -10.12
C GLY A 192 12.28 10.93 -8.60
N MET A 193 11.22 11.51 -8.05
CA MET A 193 10.99 11.37 -6.62
C MET A 193 10.67 9.93 -6.25
N ARG A 194 9.83 9.26 -7.04
CA ARG A 194 9.51 7.86 -6.79
C ARG A 194 10.76 6.99 -6.85
N LEU A 195 11.56 7.18 -7.90
CA LEU A 195 12.72 6.33 -8.10
C LEU A 195 13.76 6.52 -7.00
N HIS A 196 13.90 7.76 -6.51
CA HIS A 196 14.87 8.01 -5.44
C HIS A 196 14.43 7.34 -4.13
N VAL A 197 13.17 7.51 -3.75
CA VAL A 197 12.69 6.88 -2.52
C VAL A 197 12.73 5.37 -2.66
N LEU A 198 12.51 4.85 -3.86
CA LEU A 198 12.47 3.40 -4.05
C LEU A 198 13.81 2.74 -3.72
N ASP A 199 14.94 3.41 -3.97
CA ASP A 199 16.24 2.80 -3.71
C ASP A 199 16.96 3.41 -2.51
N ILE A 200 16.24 4.11 -1.63
CA ILE A 200 16.79 4.54 -0.34
C ILE A 200 15.96 4.09 0.85
N TRP A 201 14.72 3.63 0.65
CA TRP A 201 13.85 3.42 1.81
C TRP A 201 14.31 2.23 2.66
N VAL A 202 14.92 1.22 2.06
CA VAL A 202 15.44 0.11 2.85
C VAL A 202 16.64 0.56 3.68
N ASP A 203 17.51 1.40 3.09
CA ASP A 203 18.62 1.99 3.85
C ASP A 203 18.12 2.65 5.13
N GLU A 204 17.05 3.44 5.03
CA GLU A 204 16.66 4.30 6.13
C GLU A 204 15.81 3.57 7.17
N VAL A 205 15.10 2.50 6.78
CA VAL A 205 14.44 1.70 7.82
C VAL A 205 15.47 0.84 8.54
N GLU A 206 16.53 0.40 7.83
CA GLU A 206 17.59 -0.33 8.49
C GLU A 206 18.32 0.55 9.50
N ARG A 207 18.55 1.82 9.13
CA ARG A 207 19.34 2.71 9.97
C ARG A 207 18.70 2.92 11.34
N VAL A 208 17.37 2.87 11.43
CA VAL A 208 16.66 3.10 12.69
C VAL A 208 16.23 1.80 13.35
N GLY A 209 16.72 0.66 12.86
CA GLY A 209 16.50 -0.60 13.54
C GLY A 209 15.24 -1.35 13.15
N LEU A 210 14.57 -0.95 12.06
CA LEU A 210 13.31 -1.59 11.69
C LEU A 210 13.50 -2.95 11.04
N LEU A 211 14.72 -3.32 10.66
CA LEU A 211 15.00 -4.65 10.12
C LEU A 211 15.33 -5.65 11.22
N ASN A 212 15.03 -5.32 12.47
CA ASN A 212 15.19 -6.26 13.59
C ASN A 212 14.04 -7.25 13.54
N GLU A 213 14.35 -8.52 13.24
CA GLU A 213 13.32 -9.51 13.00
C GLU A 213 12.62 -9.96 14.27
N ASP A 214 13.22 -9.77 15.45
CA ASP A 214 12.62 -10.28 16.68
C ASP A 214 11.47 -9.42 17.22
N GLU A 215 11.22 -8.24 16.66
CA GLU A 215 10.16 -7.37 17.15
C GLU A 215 9.01 -7.33 16.14
N GLU A 216 7.80 -7.56 16.64
CA GLU A 216 6.65 -7.77 15.76
C GLU A 216 6.21 -6.47 15.09
N GLU A 217 6.23 -5.36 15.85
CA GLU A 217 5.87 -4.07 15.28
C GLU A 217 6.76 -3.71 14.10
N ALA A 218 8.06 -3.95 14.22
CA ALA A 218 8.98 -3.60 13.15
C ALA A 218 8.73 -4.44 11.90
N ARG A 219 8.50 -5.75 12.07
CA ARG A 219 8.21 -6.60 10.93
C ARG A 219 6.93 -6.14 10.22
N MET A 220 5.94 -5.68 10.99
N MET A 220 5.95 -5.67 10.99
CA MET A 220 4.70 -5.20 10.39
CA MET A 220 4.71 -5.20 10.38
C MET A 220 4.92 -3.92 9.61
C MET A 220 4.92 -3.92 9.61
N ILE A 221 5.73 -3.00 10.14
CA ILE A 221 5.99 -1.73 9.46
C ILE A 221 6.70 -1.98 8.14
N VAL A 222 7.72 -2.84 8.15
CA VAL A 222 8.45 -3.15 6.92
C VAL A 222 7.54 -3.84 5.92
N GLN A 223 6.71 -4.78 6.38
CA GLN A 223 5.78 -5.45 5.49
C GLN A 223 4.77 -4.48 4.90
N ARG A 224 4.34 -3.49 5.69
CA ARG A 224 3.37 -2.53 5.19
C ARG A 224 3.94 -1.67 4.08
N ILE A 225 5.18 -1.21 4.24
CA ILE A 225 5.83 -0.45 3.17
C ILE A 225 6.00 -1.32 1.94
N SER A 226 6.38 -2.58 2.13
CA SER A 226 6.53 -3.50 1.00
C SER A 226 5.21 -3.69 0.26
N ASP A 227 4.09 -3.74 0.99
CA ASP A 227 2.78 -3.81 0.35
C ASP A 227 2.57 -2.61 -0.57
N MET A 228 2.94 -1.41 -0.11
CA MET A 228 2.75 -0.21 -0.91
C MET A 228 3.59 -0.26 -2.18
N VAL A 229 4.86 -0.67 -2.06
CA VAL A 229 5.73 -0.75 -3.23
C VAL A 229 5.20 -1.80 -4.20
N ASP A 230 4.75 -2.93 -3.69
CA ASP A 230 4.23 -3.99 -4.55
C ASP A 230 2.97 -3.53 -5.27
N ALA A 231 2.09 -2.81 -4.58
CA ALA A 231 0.91 -2.26 -5.22
C ALA A 231 1.30 -1.25 -6.30
N LEU A 232 2.31 -0.42 -6.02
CA LEU A 232 2.83 0.48 -7.05
C LEU A 232 3.36 -0.30 -8.24
N GLU A 233 4.09 -1.40 -7.98
CA GLU A 233 4.68 -2.17 -9.07
C GLU A 233 3.61 -2.75 -9.98
N GLN A 234 2.51 -3.28 -9.41
CA GLN A 234 1.53 -3.94 -10.25
C GLN A 234 0.53 -2.98 -10.89
N THR A 235 0.54 -1.69 -10.51
CA THR A 235 -0.43 -0.74 -11.05
C THR A 235 0.17 0.35 -11.92
N THR A 236 1.45 0.65 -11.79
CA THR A 236 2.04 1.75 -12.54
C THR A 236 1.97 1.49 -14.04
N LYS A 237 1.79 2.56 -14.81
CA LYS A 237 1.94 2.51 -16.25
C LYS A 237 3.38 2.69 -16.69
N SER A 238 4.28 2.93 -15.73
CA SER A 238 5.67 3.27 -16.00
C SER A 238 6.53 2.02 -16.00
N PRO A 239 7.04 1.57 -17.14
CA PRO A 239 8.02 0.46 -17.11
C PRO A 239 9.21 0.73 -16.20
N ALA A 240 9.63 1.99 -16.07
CA ALA A 240 10.78 2.28 -15.20
C ALA A 240 10.41 2.15 -13.73
N VAL A 241 9.25 2.69 -13.35
CA VAL A 241 8.79 2.52 -11.98
C VAL A 241 8.60 1.04 -11.67
N ARG A 242 8.08 0.28 -12.64
CA ARG A 242 7.84 -1.14 -12.41
C ARG A 242 9.15 -1.91 -12.19
N THR A 243 10.15 -1.65 -13.02
CA THR A 243 11.40 -2.39 -12.91
C THR A 243 12.18 -1.96 -11.66
N ARG A 244 12.09 -0.68 -11.29
CA ARG A 244 12.80 -0.22 -10.10
C ARG A 244 12.07 -0.64 -8.83
N SER A 245 10.75 -0.81 -8.90
CA SER A 245 10.02 -1.36 -7.76
C SER A 245 10.40 -2.80 -7.50
N LYS A 246 10.61 -3.59 -8.57
CA LYS A 246 11.10 -4.95 -8.42
C LYS A 246 12.47 -4.94 -7.74
N ASP A 247 13.39 -4.09 -8.23
CA ASP A 247 14.69 -3.95 -7.60
C ASP A 247 14.57 -3.66 -6.11
N SER A 248 13.74 -2.67 -5.78
CA SER A 248 13.55 -2.26 -4.39
C SER A 248 13.12 -3.44 -3.52
N LEU A 249 12.17 -4.23 -4.01
CA LEU A 249 11.63 -5.34 -3.23
C LEU A 249 12.53 -6.57 -3.23
N GLY A 250 13.52 -6.64 -4.12
CA GLY A 250 14.46 -7.74 -4.13
C GLY A 250 15.65 -7.57 -3.22
N ASP A 251 15.64 -6.53 -2.38
CA ASP A 251 16.76 -6.20 -1.51
C ASP A 251 17.14 -7.39 -0.63
N ASP A 252 18.45 -7.67 -0.56
CA ASP A 252 18.96 -8.76 0.28
C ASP A 252 18.49 -8.63 1.71
N ARG A 253 18.30 -7.41 2.20
CA ARG A 253 18.10 -7.17 3.63
C ARG A 253 16.66 -7.35 4.07
N LEU A 254 15.71 -7.52 3.14
CA LEU A 254 14.32 -7.66 3.54
C LEU A 254 14.03 -9.11 3.92
N PRO A 255 13.17 -9.33 4.93
CA PRO A 255 12.95 -10.71 5.42
C PRO A 255 12.47 -11.67 4.34
N ALA A 256 11.63 -11.22 3.41
CA ALA A 256 11.08 -12.10 2.39
C ALA A 256 12.17 -12.71 1.52
N ASN A 257 13.33 -12.08 1.43
CA ASN A 257 14.42 -12.57 0.59
C ASN A 257 15.48 -13.33 1.37
N ARG A 258 15.24 -13.58 2.66
CA ARG A 258 16.21 -14.29 3.49
C ARG A 258 15.59 -15.53 4.13
N SER B 7 -31.79 -9.83 12.42
CA SER B 7 -30.87 -10.72 11.74
C SER B 7 -29.64 -9.97 11.26
N MET B 8 -28.46 -10.47 11.64
CA MET B 8 -27.20 -9.80 11.38
C MET B 8 -27.24 -8.31 11.77
N PRO B 9 -27.55 -7.99 13.03
CA PRO B 9 -27.66 -6.57 13.39
C PRO B 9 -26.35 -5.83 13.34
N PHE B 10 -25.23 -6.52 13.58
CA PHE B 10 -23.92 -5.88 13.67
C PHE B 10 -23.45 -5.32 12.34
N ILE B 11 -24.08 -5.69 11.23
CA ILE B 11 -23.53 -5.35 9.92
C ILE B 11 -23.57 -3.84 9.71
N LYS B 12 -24.66 -3.18 10.10
CA LYS B 12 -24.70 -1.74 9.93
C LYS B 12 -23.84 -1.00 10.96
N HIS B 13 -23.30 -1.72 11.96
CA HIS B 13 -22.19 -1.20 12.75
C HIS B 13 -20.87 -1.27 12.00
N LEU B 14 -20.87 -1.69 10.74
CA LEU B 14 -19.65 -1.80 9.95
C LEU B 14 -19.75 -0.91 8.71
N LYS B 20 -13.54 2.94 17.67
CA LYS B 20 -14.64 2.41 18.48
C LYS B 20 -15.84 2.01 17.62
N VAL B 21 -16.84 1.42 18.28
CA VAL B 21 -18.06 0.85 17.68
C VAL B 21 -17.69 -0.17 16.60
N ARG B 22 -16.55 -0.85 16.77
CA ARG B 22 -16.11 -1.81 15.76
C ARG B 22 -15.59 -3.11 16.32
N THR B 23 -14.61 -3.04 17.24
CA THR B 23 -14.11 -4.24 17.90
C THR B 23 -15.27 -5.13 18.31
N ALA B 24 -16.23 -4.57 19.04
CA ALA B 24 -17.47 -5.26 19.34
C ALA B 24 -18.14 -5.80 18.08
N ALA B 25 -18.40 -4.92 17.11
CA ALA B 25 -19.06 -5.34 15.87
C ALA B 25 -18.24 -6.41 15.15
N LEU B 26 -16.91 -6.28 15.18
CA LEU B 26 -16.08 -7.32 14.57
C LEU B 26 -15.95 -8.54 15.47
N ASN B 27 -15.91 -8.33 16.80
CA ASN B 27 -16.03 -9.47 17.71
C ASN B 27 -17.40 -10.11 17.57
N SER B 28 -18.44 -9.29 17.33
CA SER B 28 -19.76 -9.84 17.03
C SER B 28 -19.71 -10.76 15.83
N LEU B 29 -19.01 -10.34 14.77
CA LEU B 29 -18.93 -11.14 13.56
C LEU B 29 -18.17 -12.44 13.80
N HIS B 30 -17.07 -12.37 14.57
CA HIS B 30 -16.36 -13.59 14.94
C HIS B 30 -17.29 -14.57 15.64
N ALA B 31 -18.12 -14.07 16.56
CA ALA B 31 -19.03 -14.93 17.30
C ALA B 31 -20.12 -15.52 16.40
N PHE B 32 -20.71 -14.69 15.53
CA PHE B 32 -21.71 -15.22 14.59
C PHE B 32 -21.12 -16.37 13.79
N LEU B 33 -20.03 -16.10 13.06
CA LEU B 33 -19.47 -17.13 12.19
C LEU B 33 -19.04 -18.36 12.99
N SER B 34 -18.59 -18.18 14.23
CA SER B 34 -18.15 -19.32 15.03
C SER B 34 -19.29 -20.29 15.28
N ALA B 35 -20.48 -19.78 15.61
CA ALA B 35 -21.65 -20.63 15.83
C ALA B 35 -22.52 -20.69 14.59
N SER B 40 -27.03 -22.51 11.57
CA SER B 40 -27.43 -23.74 10.92
C SER B 40 -27.25 -23.66 9.41
N ALA B 41 -27.38 -22.45 8.86
CA ALA B 41 -27.30 -22.26 7.42
C ALA B 41 -26.73 -20.89 7.11
N LEU B 42 -25.99 -20.82 6.00
CA LEU B 42 -25.42 -19.58 5.51
C LEU B 42 -25.69 -19.51 4.01
N THR B 43 -26.46 -18.51 3.58
CA THR B 43 -26.90 -18.42 2.20
C THR B 43 -26.07 -17.42 1.41
N THR B 44 -26.30 -17.42 0.11
CA THR B 44 -25.64 -16.48 -0.80
C THR B 44 -25.87 -15.04 -0.36
N LEU B 45 -27.08 -14.74 0.09
CA LEU B 45 -27.44 -13.37 0.42
C LEU B 45 -26.96 -12.98 1.81
N ASP B 46 -26.79 -13.95 2.70
CA ASP B 46 -26.12 -13.68 3.96
C ASP B 46 -24.69 -13.22 3.72
N VAL B 47 -23.94 -13.95 2.89
CA VAL B 47 -22.54 -13.61 2.69
C VAL B 47 -22.41 -12.34 1.84
N LEU B 48 -23.35 -12.09 0.94
CA LEU B 48 -23.32 -10.84 0.18
C LEU B 48 -23.50 -9.64 1.10
N LYS B 49 -24.33 -9.79 2.13
CA LYS B 49 -24.55 -8.71 3.06
C LYS B 49 -23.39 -8.57 4.05
N LEU B 50 -22.80 -9.69 4.45
CA LEU B 50 -21.63 -9.63 5.33
C LEU B 50 -20.44 -9.00 4.60
N TRP B 51 -20.14 -9.49 3.40
CA TRP B 51 -18.99 -8.99 2.67
C TRP B 51 -19.18 -7.54 2.24
N LYS B 52 -20.41 -7.10 1.99
CA LYS B 52 -20.64 -5.69 1.74
C LYS B 52 -20.32 -4.87 2.98
N GLY B 53 -20.64 -5.39 4.17
CA GLY B 53 -20.30 -4.69 5.39
C GLY B 53 -18.79 -4.68 5.64
N LEU B 54 -18.14 -5.83 5.45
CA LEU B 54 -16.69 -5.89 5.61
C LEU B 54 -15.98 -5.00 4.59
N PHE B 55 -16.51 -4.93 3.37
CA PHE B 55 -15.94 -4.07 2.35
C PHE B 55 -15.94 -2.61 2.81
N TYR B 56 -17.11 -2.15 3.27
N TYR B 56 -17.08 -2.13 3.30
CA TYR B 56 -17.25 -0.77 3.75
CA TYR B 56 -17.12 -0.73 3.67
C TYR B 56 -16.33 -0.49 4.92
C TYR B 56 -16.43 -0.46 5.00
N ALA B 57 -16.11 -1.50 5.76
CA ALA B 57 -15.25 -1.33 6.93
C ALA B 57 -13.82 -1.01 6.49
N LEU B 58 -13.30 -1.76 5.52
CA LEU B 58 -11.99 -1.43 4.96
C LEU B 58 -12.05 -0.12 4.18
N TRP B 59 -13.18 0.15 3.52
CA TRP B 59 -13.29 1.37 2.72
C TRP B 59 -13.11 2.62 3.58
N MET B 60 -13.64 2.61 4.80
CA MET B 60 -13.52 3.78 5.67
C MET B 60 -12.22 3.80 6.47
N CYS B 61 -11.46 2.70 6.49
CA CYS B 61 -10.23 2.64 7.26
C CYS B 61 -9.12 3.37 6.51
N ASP B 62 -8.65 4.50 7.06
CA ASP B 62 -7.75 5.41 6.35
C ASP B 62 -6.35 5.46 6.95
N ARG B 63 -6.02 4.55 7.86
CA ARG B 63 -4.69 4.54 8.49
C ARG B 63 -3.97 3.24 8.12
N ALA B 64 -2.67 3.36 7.87
CA ALA B 64 -1.93 2.30 7.19
C ALA B 64 -1.93 0.99 7.97
N ILE B 65 -1.53 1.05 9.24
CA ILE B 65 -1.40 -0.16 10.05
C ILE B 65 -2.78 -0.75 10.35
N PRO B 66 -3.81 0.04 10.70
CA PRO B 66 -5.14 -0.55 10.83
C PRO B 66 -5.63 -1.22 9.56
N GLN B 67 -5.38 -0.63 8.39
CA GLN B 67 -5.73 -1.28 7.14
C GLN B 67 -5.12 -2.68 7.04
N GLN B 68 -3.85 -2.79 7.43
CA GLN B 68 -3.14 -4.07 7.34
C GLN B 68 -3.72 -5.10 8.31
N ASN B 69 -3.99 -4.68 9.56
CA ASN B 69 -4.65 -5.56 10.51
C ASN B 69 -6.00 -6.02 9.98
N LEU B 70 -6.78 -5.10 9.42
CA LEU B 70 -8.11 -5.43 8.93
C LEU B 70 -8.03 -6.44 7.78
N CYS B 71 -7.13 -6.21 6.83
CA CYS B 71 -6.96 -7.13 5.71
C CYS B 71 -6.63 -8.53 6.20
N ASN B 72 -5.72 -8.65 7.18
CA ASN B 72 -5.36 -9.95 7.70
C ASN B 72 -6.53 -10.59 8.46
N GLU B 73 -7.31 -9.79 9.18
CA GLU B 73 -8.43 -10.33 9.93
C GLU B 73 -9.54 -10.81 9.00
N LEU B 74 -9.83 -10.05 7.95
CA LEU B 74 -10.87 -10.46 7.00
C LEU B 74 -10.48 -11.74 6.28
N ALA B 75 -9.21 -11.84 5.85
CA ALA B 75 -8.75 -13.03 5.15
C ALA B 75 -8.79 -14.26 6.06
N ASP B 76 -8.56 -14.08 7.36
CA ASP B 76 -8.54 -15.19 8.29
C ASP B 76 -9.93 -15.65 8.71
N LEU B 77 -10.98 -14.90 8.37
CA LEU B 77 -12.33 -15.31 8.68
C LEU B 77 -12.67 -16.67 8.09
N ILE B 78 -11.96 -17.10 7.04
CA ILE B 78 -12.24 -18.37 6.39
C ILE B 78 -12.09 -19.53 7.36
N TRP B 79 -11.17 -19.43 8.32
CA TRP B 79 -10.95 -20.51 9.27
C TRP B 79 -12.04 -20.60 10.33
N GLN B 80 -12.80 -19.52 10.55
CA GLN B 80 -13.88 -19.54 11.53
C GLN B 80 -15.10 -20.32 11.04
N LEU B 81 -15.11 -20.75 9.79
CA LEU B 81 -16.37 -21.25 9.25
C LEU B 81 -16.40 -22.77 9.23
N PRO B 82 -17.59 -23.35 9.34
CA PRO B 82 -17.73 -24.79 9.09
C PRO B 82 -17.44 -25.11 7.63
N ARG B 83 -16.91 -26.32 7.41
CA ARG B 83 -16.42 -26.71 6.09
C ARG B 83 -17.48 -26.51 5.01
N GLU B 84 -18.74 -26.79 5.33
CA GLU B 84 -19.81 -26.74 4.34
C GLU B 84 -20.14 -25.33 3.87
N SER B 85 -19.57 -24.29 4.49
CA SER B 85 -19.93 -22.92 4.17
C SER B 85 -18.84 -22.13 3.46
N VAL B 86 -17.63 -22.68 3.34
CA VAL B 86 -16.49 -21.88 2.88
C VAL B 86 -16.67 -21.49 1.42
N ALA B 87 -17.10 -22.42 0.58
CA ALA B 87 -17.26 -22.12 -0.85
C ALA B 87 -18.21 -20.96 -1.07
N THR B 88 -19.32 -20.94 -0.34
CA THR B 88 -20.26 -19.82 -0.45
C THR B 88 -19.66 -18.54 0.11
N TRP B 89 -18.88 -18.66 1.19
CA TRP B 89 -18.21 -17.50 1.77
C TRP B 89 -17.29 -16.84 0.76
N LEU B 90 -16.42 -17.64 0.14
CA LEU B 90 -15.47 -17.10 -0.83
C LEU B 90 -16.17 -16.57 -2.07
N ARG B 91 -17.23 -17.25 -2.51
CA ARG B 91 -17.99 -16.77 -3.66
C ARG B 91 -18.63 -15.41 -3.37
N GLY B 92 -19.02 -15.17 -2.12
CA GLY B 92 -19.52 -13.85 -1.76
C GLY B 92 -18.43 -12.80 -1.83
N PHE B 93 -17.19 -13.18 -1.51
CA PHE B 93 -16.08 -12.24 -1.60
C PHE B 93 -15.88 -11.79 -3.04
N TRP B 94 -15.75 -12.74 -3.97
CA TRP B 94 -15.44 -12.40 -5.34
C TRP B 94 -16.57 -11.61 -5.99
N ALA B 95 -17.82 -12.00 -5.71
CA ALA B 95 -18.95 -11.25 -6.22
C ALA B 95 -18.96 -9.82 -5.68
N THR B 96 -18.61 -9.65 -4.42
CA THR B 96 -18.57 -8.31 -3.84
C THR B 96 -17.47 -7.47 -4.47
N MET B 97 -16.25 -8.01 -4.57
CA MET B 97 -15.16 -7.29 -5.21
C MET B 97 -15.48 -6.97 -6.66
N ALA B 98 -16.17 -7.88 -7.35
CA ALA B 98 -16.55 -7.62 -8.73
C ALA B 98 -17.56 -6.48 -8.83
N ARG B 99 -18.52 -6.44 -7.91
CA ARG B 99 -19.52 -5.37 -7.94
C ARG B 99 -18.89 -4.02 -7.65
N GLU B 100 -17.91 -3.97 -6.75
CA GLU B 100 -17.41 -2.70 -6.25
C GLU B 100 -16.19 -2.18 -7.01
N TRP B 101 -15.54 -3.00 -7.82
CA TRP B 101 -14.18 -2.70 -8.27
C TRP B 101 -14.09 -1.36 -8.98
N THR B 102 -14.94 -1.12 -9.97
CA THR B 102 -14.83 0.11 -10.76
C THR B 102 -15.08 1.36 -9.92
N GLY B 103 -15.69 1.23 -8.74
CA GLY B 103 -15.90 2.36 -7.87
C GLY B 103 -14.77 2.67 -6.92
N ILE B 104 -13.76 1.82 -6.85
CA ILE B 104 -12.62 2.02 -5.96
C ILE B 104 -11.68 3.03 -6.60
N ASP B 105 -11.60 4.22 -6.02
CA ASP B 105 -10.71 5.25 -6.54
C ASP B 105 -9.26 4.94 -6.17
N VAL B 106 -8.34 5.70 -6.77
CA VAL B 106 -6.92 5.38 -6.66
C VAL B 106 -6.45 5.45 -5.21
N LEU B 107 -6.97 6.42 -4.46
CA LEU B 107 -6.51 6.61 -3.09
C LEU B 107 -6.99 5.52 -2.14
N ARG B 108 -7.87 4.63 -2.60
CA ARG B 108 -8.33 3.50 -1.81
C ARG B 108 -7.93 2.15 -2.41
N MET B 109 -7.26 2.16 -3.58
CA MET B 109 -7.06 0.91 -4.31
C MET B 109 -6.03 0.01 -3.62
N GLU B 110 -4.98 0.60 -3.05
CA GLU B 110 -3.85 -0.18 -2.54
C GLU B 110 -4.28 -1.12 -1.42
N LYS B 111 -5.12 -0.64 -0.51
CA LYS B 111 -5.55 -1.49 0.59
C LYS B 111 -6.44 -2.63 0.12
N PHE B 112 -7.20 -2.41 -0.94
CA PHE B 112 -8.03 -3.49 -1.46
C PHE B 112 -7.22 -4.49 -2.28
N LEU B 113 -6.13 -4.04 -2.92
CA LEU B 113 -5.19 -4.97 -3.52
C LEU B 113 -4.60 -5.89 -2.45
N LEU B 114 -4.28 -5.32 -1.29
CA LEU B 114 -3.78 -6.14 -0.18
C LEU B 114 -4.82 -7.13 0.29
N LEU B 115 -6.09 -6.68 0.38
CA LEU B 115 -7.17 -7.57 0.81
C LEU B 115 -7.31 -8.76 -0.15
N VAL B 116 -7.30 -8.48 -1.45
CA VAL B 116 -7.46 -9.55 -2.44
C VAL B 116 -6.32 -10.57 -2.31
N ARG B 117 -5.09 -10.09 -2.11
CA ARG B 117 -3.95 -11.00 -2.02
C ARG B 117 -4.05 -11.88 -0.78
N ARG B 118 -4.40 -11.29 0.37
CA ARG B 118 -4.46 -12.08 1.60
C ARG B 118 -5.62 -13.05 1.58
N VAL B 119 -6.78 -12.63 1.07
CA VAL B 119 -7.92 -13.53 0.98
C VAL B 119 -7.60 -14.70 0.05
N LEU B 120 -6.97 -14.41 -1.09
CA LEU B 120 -6.58 -15.48 -2.01
C LEU B 120 -5.54 -16.39 -1.38
N GLY B 121 -4.55 -15.80 -0.70
CA GLY B 121 -3.53 -16.60 -0.05
C GLY B 121 -4.10 -17.51 1.02
N ALA B 122 -5.07 -17.02 1.80
CA ALA B 122 -5.72 -17.86 2.79
C ALA B 122 -6.53 -18.96 2.12
N SER B 123 -7.16 -18.65 0.98
CA SER B 123 -7.88 -19.67 0.23
C SER B 123 -6.95 -20.81 -0.16
N PHE B 124 -5.78 -20.48 -0.71
CA PHE B 124 -4.84 -21.51 -1.13
C PHE B 124 -4.34 -22.34 0.05
N LYS B 125 -4.04 -21.67 1.17
CA LYS B 125 -3.58 -22.40 2.36
C LYS B 125 -4.68 -23.29 2.92
N TRP B 126 -5.93 -22.84 2.83
CA TRP B 126 -7.05 -23.64 3.29
C TRP B 126 -7.24 -24.92 2.47
N MET B 127 -6.72 -24.94 1.24
CA MET B 127 -6.76 -26.17 0.43
C MET B 127 -5.91 -27.29 1.03
N LYS B 128 -4.92 -26.95 1.85
CA LYS B 128 -4.02 -27.96 2.39
C LYS B 128 -4.77 -28.90 3.32
N LYS B 129 -4.35 -30.16 3.31
CA LYS B 129 -4.99 -31.17 4.14
C LYS B 129 -4.77 -30.86 5.61
N ASP B 130 -5.84 -30.95 6.39
CA ASP B 130 -5.78 -30.73 7.83
C ASP B 130 -5.20 -31.94 8.53
N ALA B 149 0.19 -32.78 1.52
CA ALA B 149 -0.86 -33.23 0.60
C ALA B 149 -2.03 -32.26 0.61
N TRP B 150 -2.96 -32.45 -0.33
CA TRP B 150 -3.99 -31.47 -0.60
C TRP B 150 -5.38 -32.11 -0.61
N ASP B 151 -6.35 -31.41 -0.04
CA ASP B 151 -7.73 -31.86 0.02
C ASP B 151 -8.40 -31.55 -1.32
N GLN B 152 -8.72 -32.60 -2.08
CA GLN B 152 -9.16 -32.39 -3.46
C GLN B 152 -10.48 -31.64 -3.54
N SER B 153 -11.39 -31.88 -2.58
CA SER B 153 -12.67 -31.19 -2.61
C SER B 153 -12.50 -29.70 -2.32
N LYS B 154 -11.56 -29.36 -1.43
CA LYS B 154 -11.24 -27.95 -1.19
C LYS B 154 -10.54 -27.34 -2.40
N VAL B 155 -9.61 -28.08 -2.99
CA VAL B 155 -8.92 -27.62 -4.20
C VAL B 155 -9.94 -27.31 -5.29
N ASP B 156 -10.91 -28.21 -5.49
CA ASP B 156 -11.91 -28.02 -6.53
C ASP B 156 -12.75 -26.77 -6.30
N GLU B 157 -13.01 -26.43 -5.03
CA GLU B 157 -13.84 -25.26 -4.75
C GLU B 157 -13.07 -23.95 -4.93
N VAL B 158 -11.81 -23.92 -4.53
CA VAL B 158 -11.00 -22.71 -4.72
C VAL B 158 -10.70 -22.50 -6.21
N LEU B 159 -10.25 -23.56 -6.88
CA LEU B 159 -9.92 -23.43 -8.30
C LEU B 159 -11.17 -23.17 -9.14
N GLY B 160 -12.30 -23.76 -8.73
CA GLY B 160 -13.55 -23.47 -9.42
C GLY B 160 -13.92 -21.99 -9.33
N LEU B 161 -13.63 -21.37 -8.19
CA LEU B 161 -13.93 -19.94 -8.05
C LEU B 161 -12.98 -19.09 -8.89
N LEU B 162 -11.75 -19.54 -9.08
CA LEU B 162 -10.85 -18.85 -10.00
C LEU B 162 -11.39 -18.90 -11.42
N ALA B 163 -11.85 -20.09 -11.85
CA ALA B 163 -12.44 -20.21 -13.18
C ALA B 163 -13.77 -19.46 -13.26
N GLU B 164 -14.48 -19.32 -12.15
CA GLU B 164 -15.76 -18.62 -12.17
C GLU B 164 -15.58 -17.11 -12.20
N TRP B 165 -14.52 -16.59 -11.58
CA TRP B 165 -14.46 -15.13 -11.48
C TRP B 165 -13.23 -14.56 -12.20
N PRO B 166 -12.03 -14.49 -11.62
CA PRO B 166 -10.98 -13.68 -12.29
C PRO B 166 -10.53 -14.26 -13.62
N PHE B 167 -10.53 -15.58 -13.77
CA PHE B 167 -10.04 -16.25 -14.98
C PHE B 167 -11.18 -16.70 -15.90
N SER B 168 -12.39 -16.19 -15.69
CA SER B 168 -13.54 -16.69 -16.42
C SER B 168 -13.48 -16.28 -17.89
N LEU B 169 -13.91 -17.20 -18.76
CA LEU B 169 -14.08 -16.90 -20.17
C LEU B 169 -15.35 -16.09 -20.44
N ALA B 170 -16.23 -15.98 -19.46
CA ALA B 170 -17.43 -15.17 -19.58
C ALA B 170 -17.19 -13.76 -19.05
N GLU B 171 -17.97 -12.82 -19.57
CA GLU B 171 -17.93 -11.45 -19.07
C GLU B 171 -18.83 -11.24 -17.86
N GLU B 172 -19.78 -12.14 -17.62
CA GLU B 172 -20.77 -11.98 -16.56
C GLU B 172 -20.96 -13.31 -15.84
N VAL B 173 -21.39 -13.22 -14.58
CA VAL B 173 -21.66 -14.38 -13.74
C VAL B 173 -23.08 -14.29 -13.20
N ARG B 174 -23.79 -15.40 -13.22
CA ARG B 174 -25.12 -15.48 -12.62
C ARG B 174 -24.97 -15.76 -11.12
N ILE B 175 -25.40 -14.82 -10.29
CA ILE B 175 -25.24 -14.94 -8.84
C ILE B 175 -26.45 -15.66 -8.25
N THR B 176 -27.62 -15.03 -8.34
CA THR B 176 -28.80 -15.47 -7.62
C THR B 176 -29.83 -16.09 -8.55
N GLN B 177 -30.67 -16.94 -7.96
CA GLN B 177 -31.80 -17.54 -8.65
C GLN B 177 -32.91 -16.52 -8.81
N SER B 178 -33.91 -16.88 -9.61
CA SER B 178 -35.11 -16.05 -9.72
C SER B 178 -35.86 -15.98 -8.40
N SER B 179 -35.72 -17.01 -7.56
CA SER B 179 -36.76 -17.36 -6.60
C SER B 179 -36.70 -16.63 -5.28
N GLU B 180 -35.54 -16.13 -4.83
CA GLU B 180 -35.39 -15.88 -3.40
C GLU B 180 -35.09 -14.45 -2.97
N LYS B 181 -34.71 -13.54 -3.86
CA LYS B 181 -34.46 -12.16 -3.44
C LYS B 181 -35.22 -11.11 -4.23
N GLY B 182 -35.57 -11.38 -5.49
CA GLY B 182 -36.15 -10.36 -6.32
C GLY B 182 -35.24 -10.09 -7.50
N GLY B 183 -35.62 -10.60 -8.66
CA GLY B 183 -34.77 -10.53 -9.82
C GLY B 183 -33.67 -11.56 -9.77
N GLU B 184 -33.34 -12.13 -10.93
CA GLU B 184 -32.13 -12.90 -11.09
C GLU B 184 -31.02 -11.95 -11.54
N ILE B 185 -29.90 -12.00 -10.84
CA ILE B 185 -28.87 -10.97 -10.97
C ILE B 185 -27.64 -11.56 -11.64
N VAL B 186 -27.12 -10.84 -12.62
CA VAL B 186 -25.86 -11.16 -13.28
C VAL B 186 -24.86 -10.05 -12.95
N GLN B 187 -23.64 -10.43 -12.61
CA GLN B 187 -22.61 -9.47 -12.21
C GLN B 187 -21.53 -9.45 -13.27
N LYS B 188 -21.28 -8.27 -13.84
CA LYS B 188 -20.18 -8.10 -14.77
C LYS B 188 -18.85 -8.25 -14.05
N ILE B 189 -17.91 -8.93 -14.69
CA ILE B 189 -16.56 -9.10 -14.15
C ILE B 189 -15.72 -7.93 -14.62
N PRO B 190 -15.19 -7.11 -13.71
CA PRO B 190 -14.37 -5.96 -14.14
C PRO B 190 -12.96 -6.38 -14.48
N VAL B 191 -12.40 -5.72 -15.49
CA VAL B 191 -11.08 -6.11 -15.99
C VAL B 191 -10.01 -5.92 -14.92
N GLY B 192 -10.18 -4.89 -14.07
CA GLY B 192 -9.17 -4.62 -13.06
C GLY B 192 -8.97 -5.75 -12.08
N MET B 193 -10.05 -6.47 -11.76
CA MET B 193 -9.92 -7.63 -10.88
C MET B 193 -9.11 -8.74 -11.55
N ARG B 194 -9.36 -8.97 -12.85
CA ARG B 194 -8.56 -9.95 -13.58
C ARG B 194 -7.08 -9.58 -13.57
N LEU B 195 -6.77 -8.33 -13.91
CA LEU B 195 -5.38 -7.92 -14.05
C LEU B 195 -4.60 -8.13 -12.77
N HIS B 196 -5.21 -7.84 -11.62
CA HIS B 196 -4.45 -7.87 -10.37
C HIS B 196 -4.39 -9.27 -9.77
N VAL B 197 -5.37 -10.13 -10.07
CA VAL B 197 -5.23 -11.54 -9.69
C VAL B 197 -4.18 -12.21 -10.58
N LEU B 198 -4.12 -11.82 -11.86
CA LEU B 198 -3.08 -12.33 -12.73
C LEU B 198 -1.69 -11.91 -12.25
N ASP B 199 -1.59 -10.76 -11.60
CA ASP B 199 -0.30 -10.26 -11.14
C ASP B 199 0.20 -11.00 -9.90
N ILE B 200 -0.67 -11.68 -9.17
CA ILE B 200 -0.33 -12.19 -7.85
C ILE B 200 -0.44 -13.70 -7.72
N TRP B 201 -1.02 -14.41 -8.70
CA TRP B 201 -1.35 -15.81 -8.46
C TRP B 201 -0.12 -16.70 -8.37
N VAL B 202 0.96 -16.37 -9.08
CA VAL B 202 2.17 -17.17 -8.96
C VAL B 202 2.81 -16.95 -7.58
N ASP B 203 2.83 -15.71 -7.11
CA ASP B 203 3.30 -15.41 -5.76
C ASP B 203 2.60 -16.30 -4.73
N GLU B 204 1.28 -16.42 -4.84
CA GLU B 204 0.51 -17.04 -3.78
C GLU B 204 0.52 -18.56 -3.85
N VAL B 205 0.64 -19.16 -5.04
CA VAL B 205 0.81 -20.60 -5.10
C VAL B 205 2.21 -20.99 -4.63
N GLU B 206 3.21 -20.14 -4.88
CA GLU B 206 4.54 -20.42 -4.37
C GLU B 206 4.57 -20.34 -2.84
N ARG B 207 3.84 -19.37 -2.28
CA ARG B 207 3.90 -19.14 -0.83
C ARG B 207 3.46 -20.37 -0.04
N VAL B 208 2.52 -21.15 -0.57
CA VAL B 208 2.01 -22.32 0.13
C VAL B 208 2.68 -23.61 -0.33
N GLY B 209 3.75 -23.52 -1.13
CA GLY B 209 4.57 -24.66 -1.45
C GLY B 209 4.18 -25.42 -2.69
N LEU B 210 3.24 -24.91 -3.50
CA LEU B 210 2.80 -25.65 -4.66
C LEU B 210 3.88 -25.77 -5.72
N LEU B 211 4.83 -24.84 -5.76
CA LEU B 211 5.85 -24.84 -6.79
C LEU B 211 7.00 -25.81 -6.51
N ASN B 212 7.14 -26.29 -5.27
CA ASN B 212 8.16 -27.28 -4.93
C ASN B 212 7.56 -28.66 -5.12
N GLU B 213 7.95 -29.32 -6.21
CA GLU B 213 7.19 -30.41 -6.81
C GLU B 213 7.82 -31.76 -6.50
N ASP B 214 7.90 -32.11 -5.21
CA ASP B 214 8.07 -33.52 -4.86
C ASP B 214 6.79 -34.28 -5.15
N GLU B 215 5.65 -33.70 -4.81
CA GLU B 215 4.35 -34.32 -4.93
C GLU B 215 3.77 -34.16 -6.32
N GLU B 216 2.92 -35.12 -6.71
CA GLU B 216 2.22 -35.03 -7.99
C GLU B 216 1.00 -34.13 -7.89
N GLU B 217 0.33 -34.13 -6.72
CA GLU B 217 -0.83 -33.27 -6.51
C GLU B 217 -0.51 -31.81 -6.80
N ALA B 218 0.67 -31.36 -6.37
CA ALA B 218 1.02 -29.94 -6.51
C ALA B 218 1.13 -29.54 -7.98
N ARG B 219 1.78 -30.37 -8.79
CA ARG B 219 1.92 -30.06 -10.21
C ARG B 219 0.59 -30.06 -10.93
N MET B 220 -0.32 -30.94 -10.53
CA MET B 220 -1.64 -30.95 -11.14
C MET B 220 -2.38 -29.66 -10.84
N ILE B 221 -2.28 -29.17 -9.60
CA ILE B 221 -2.92 -27.92 -9.22
C ILE B 221 -2.35 -26.76 -10.03
N VAL B 222 -1.02 -26.68 -10.11
CA VAL B 222 -0.38 -25.61 -10.86
C VAL B 222 -0.74 -25.72 -12.35
N GLN B 223 -0.82 -26.95 -12.87
CA GLN B 223 -1.16 -27.14 -14.27
C GLN B 223 -2.58 -26.65 -14.57
N ARG B 224 -3.52 -26.90 -13.65
CA ARG B 224 -4.91 -26.53 -13.90
C ARG B 224 -5.09 -25.02 -13.89
N ILE B 225 -4.45 -24.33 -12.93
CA ILE B 225 -4.51 -22.88 -12.91
C ILE B 225 -3.87 -22.29 -14.16
N SER B 226 -2.71 -22.82 -14.54
CA SER B 226 -2.06 -22.36 -15.78
C SER B 226 -2.97 -22.56 -16.97
N ASP B 227 -3.73 -23.66 -16.98
CA ASP B 227 -4.66 -23.90 -18.08
C ASP B 227 -5.76 -22.86 -18.12
N MET B 228 -6.29 -22.46 -16.95
CA MET B 228 -7.27 -21.39 -16.93
C MET B 228 -6.69 -20.10 -17.50
N VAL B 229 -5.48 -19.72 -17.06
CA VAL B 229 -4.86 -18.49 -17.52
C VAL B 229 -4.58 -18.56 -19.02
N ASP B 230 -4.14 -19.73 -19.50
CA ASP B 230 -3.85 -19.86 -20.92
C ASP B 230 -5.12 -19.75 -21.76
N ALA B 231 -6.21 -20.38 -21.30
CA ALA B 231 -7.49 -20.23 -22.00
C ALA B 231 -7.92 -18.77 -22.03
N LEU B 232 -7.74 -18.06 -20.91
CA LEU B 232 -8.06 -16.63 -20.88
C LEU B 232 -7.19 -15.86 -21.86
N GLU B 233 -5.89 -16.19 -21.93
CA GLU B 233 -4.99 -15.49 -22.84
C GLU B 233 -5.41 -15.69 -24.29
N GLN B 234 -5.86 -16.90 -24.63
CA GLN B 234 -6.25 -17.18 -26.01
C GLN B 234 -7.52 -16.44 -26.40
N THR B 235 -8.45 -16.25 -25.46
CA THR B 235 -9.81 -15.84 -25.80
C THR B 235 -10.12 -14.39 -25.50
N THR B 236 -9.44 -13.77 -24.54
CA THR B 236 -9.82 -12.42 -24.12
C THR B 236 -9.75 -11.44 -25.27
N LYS B 237 -10.65 -10.45 -25.24
CA LYS B 237 -10.62 -9.34 -26.18
C LYS B 237 -9.86 -8.14 -25.62
N SER B 238 -9.37 -8.22 -24.39
CA SER B 238 -8.66 -7.12 -23.77
C SER B 238 -7.15 -7.30 -23.97
N PRO B 239 -6.47 -6.34 -24.60
CA PRO B 239 -5.01 -6.47 -24.74
C PRO B 239 -4.28 -6.52 -23.41
N ALA B 240 -4.79 -5.79 -22.40
CA ALA B 240 -4.15 -5.80 -21.09
C ALA B 240 -4.25 -7.18 -20.44
N VAL B 241 -5.43 -7.81 -20.51
CA VAL B 241 -5.60 -9.14 -19.95
C VAL B 241 -4.68 -10.13 -20.67
N ARG B 242 -4.58 -10.03 -21.99
CA ARG B 242 -3.74 -10.94 -22.75
C ARG B 242 -2.27 -10.80 -22.35
N THR B 243 -1.80 -9.55 -22.22
CA THR B 243 -0.40 -9.33 -21.87
C THR B 243 -0.09 -9.85 -20.48
N ARG B 244 -0.97 -9.54 -19.50
CA ARG B 244 -0.72 -9.98 -18.13
C ARG B 244 -0.92 -11.48 -17.97
N SER B 245 -1.80 -12.09 -18.77
CA SER B 245 -1.93 -13.54 -18.75
C SER B 245 -0.65 -14.20 -19.25
N LYS B 246 -0.11 -13.69 -20.36
CA LYS B 246 1.11 -14.28 -20.92
C LYS B 246 2.32 -14.01 -20.01
N ASP B 247 2.40 -12.82 -19.43
CA ASP B 247 3.50 -12.51 -18.51
C ASP B 247 3.49 -13.46 -17.33
N SER B 248 2.33 -13.67 -16.71
CA SER B 248 2.24 -14.55 -15.55
C SER B 248 2.56 -15.99 -15.91
N LEU B 249 2.22 -16.42 -17.12
CA LEU B 249 2.57 -17.76 -17.57
C LEU B 249 4.05 -17.88 -17.92
N GLY B 250 4.72 -16.76 -18.16
CA GLY B 250 6.15 -16.77 -18.40
C GLY B 250 7.01 -16.56 -17.17
N ASP B 251 6.41 -16.50 -15.98
CA ASP B 251 7.18 -16.31 -14.75
C ASP B 251 8.16 -17.46 -14.56
N ASP B 252 9.42 -17.12 -14.29
CA ASP B 252 10.49 -18.11 -14.26
C ASP B 252 10.39 -19.10 -13.11
N ARG B 253 9.45 -18.91 -12.18
CA ARG B 253 9.29 -19.82 -11.06
C ARG B 253 8.39 -21.01 -11.37
N LEU B 254 7.63 -20.94 -12.45
CA LEU B 254 6.71 -22.04 -12.77
C LEU B 254 7.50 -23.25 -13.27
N PRO B 255 7.18 -24.45 -12.78
CA PRO B 255 7.90 -25.66 -13.25
C PRO B 255 7.96 -25.80 -14.76
N ALA B 256 6.87 -25.44 -15.46
CA ALA B 256 6.85 -25.55 -16.91
C ALA B 256 7.90 -24.69 -17.58
N ASN B 257 8.33 -23.61 -16.93
CA ASN B 257 9.38 -22.75 -17.45
C ASN B 257 10.77 -23.08 -16.90
N ARG B 258 10.84 -23.85 -15.82
CA ARG B 258 12.11 -24.18 -15.17
C ARG B 258 12.78 -25.33 -15.93
N ARG B 259 13.36 -24.98 -17.08
CA ARG B 259 14.05 -25.98 -17.91
C ARG B 259 15.38 -25.43 -18.43
P PO4 C . 9.48 28.17 -7.65
O1 PO4 C . 8.30 28.55 -6.80
O2 PO4 C . 10.70 27.98 -6.76
O3 PO4 C . 9.19 26.88 -8.39
O4 PO4 C . 9.78 29.27 -8.63
P PO4 D . -3.89 5.79 14.59
O1 PO4 D . -4.68 7.03 14.88
O2 PO4 D . -2.96 5.48 15.73
O3 PO4 D . -4.84 4.62 14.39
O4 PO4 D . -3.10 5.99 13.32
C1 EDO E . 26.00 16.57 -0.66
O1 EDO E . 26.02 15.68 -1.79
C2 EDO E . 27.44 16.91 -0.27
O2 EDO E . 28.17 15.70 -0.04
C1 EDO F . 18.83 40.28 1.08
O1 EDO F . 18.46 38.91 0.88
C2 EDO F . 20.11 40.34 1.90
O2 EDO F . 21.23 40.00 1.08
C1 EDO G . 13.58 42.24 7.59
O1 EDO G . 14.92 42.23 8.12
C2 EDO G . 13.37 43.52 6.79
O2 EDO G . 14.28 43.57 5.69
C1 EDO H . 21.89 10.96 -1.60
O1 EDO H . 22.01 10.30 -0.33
C2 EDO H . 22.15 9.96 -2.72
O2 EDO H . 21.38 8.77 -2.48
C1 EDO I . 33.97 23.45 5.57
O1 EDO I . 34.39 23.83 4.25
C2 EDO I . 33.30 24.63 6.26
O2 EDO I . 32.55 24.17 7.38
C1 EDO J . 24.06 7.73 3.58
O1 EDO J . 24.69 8.67 2.70
C2 EDO J . 25.07 7.24 4.62
O2 EDO J . 25.12 8.16 5.71
C1 EDO K . 4.70 16.69 21.80
O1 EDO K . 3.77 17.77 21.66
C2 EDO K . 5.88 16.91 20.85
O2 EDO K . 6.63 18.06 21.29
N1 EPE L . 8.27 7.02 -17.20
C2 EPE L . 7.62 5.76 -17.61
C3 EPE L . 8.63 4.63 -17.87
N4 EPE L . 9.65 5.05 -18.80
C5 EPE L . 10.20 6.37 -18.60
C6 EPE L . 9.14 7.43 -18.31
C7 EPE L . 10.48 4.04 -19.44
C8 EPE L . 9.91 3.54 -20.77
O8 EPE L . 10.86 2.69 -21.36
C9 EPE L . 7.22 8.04 -17.08
C10 EPE L . 7.68 9.17 -16.17
S EPE L . 6.36 10.32 -15.70
O1S EPE L . 5.36 9.60 -14.90
O2S EPE L . 6.91 11.39 -14.88
O3S EPE L . 5.72 10.87 -16.90
P PO4 M . -23.03 -0.46 -3.61
O1 PO4 M . -24.38 0.20 -3.66
O2 PO4 M . -23.13 -1.78 -2.89
O3 PO4 M . -22.05 0.43 -2.89
O4 PO4 M . -22.53 -0.70 -5.02
P PO4 N . 0.32 -8.21 5.62
O1 PO4 N . 0.47 -8.17 7.13
O2 PO4 N . 1.00 -7.00 5.03
O3 PO4 N . -1.13 -8.20 5.24
O4 PO4 N . 0.98 -9.45 5.07
#